data_9IXG
#
_entry.id   9IXG
#
_cell.length_a   45.872
_cell.length_b   46.756
_cell.length_c   58.139
_cell.angle_alpha   84.98
_cell.angle_beta   86.40
_cell.angle_gamma   70.57
#
_symmetry.space_group_name_H-M   'P 1'
#
loop_
_entity.id
_entity.type
_entity.pdbx_description
1 polymer 'N(omega)-hydroxy-L-arginine amidinohydrolase'
2 non-polymer 'MANGANESE (II) ION'
3 non-polymer 'MAGNESIUM ION'
4 water water
#
_entity_poly.entity_id   1
_entity_poly.type   'polypeptide(L)'
_entity_poly.pdbx_seq_one_letter_code
;MIDLIVSQGRVADRAAWMIEGAARTARALEERYGLKGHYVGEPAPHADDDWSVALPQARETLVAVREAATESIKGDNLTV
LVNNTCSVSLATLPVVAREHPDAVVLYIDGHGDFNTPETTDTGYLGGMVLSGACGLWDSGHGAGLRPEQAVLVGSRDIDE
GERELIRKAGVRVIPPGEATAQAVLDAVKDAPVWIHIDWDVLEPGSIPADYTVPDGMLPAQIRAVFEAIPAERLIGVELA
ELNAPADSERAEQAVAVILDMVAPAFDAAAARPLEHHHHHH
;
_entity_poly.pdbx_strand_id   A,B
#
loop_
_chem_comp.id
_chem_comp.type
_chem_comp.name
_chem_comp.formula
MG non-polymer 'MAGNESIUM ION' 'Mg 2'
MN non-polymer 'MANGANESE (II) ION' 'Mn 2'
#
# COMPACT_ATOMS: atom_id res chain seq x y z
N MET A 1 8.64 -34.86 8.69
CA MET A 1 8.91 -34.44 7.33
C MET A 1 8.04 -33.23 6.92
N ILE A 2 8.49 -32.54 5.87
CA ILE A 2 7.82 -31.35 5.33
C ILE A 2 7.42 -31.64 3.89
N ASP A 3 6.11 -31.58 3.61
CA ASP A 3 5.60 -31.56 2.25
C ASP A 3 5.56 -30.12 1.75
N LEU A 4 6.30 -29.80 0.69
CA LEU A 4 6.32 -28.46 0.12
C LEU A 4 5.48 -28.41 -1.16
N ILE A 5 4.48 -27.51 -1.18
CA ILE A 5 3.63 -27.26 -2.34
C ILE A 5 3.81 -25.81 -2.77
N VAL A 6 3.96 -25.58 -4.07
CA VAL A 6 4.25 -24.25 -4.59
C VAL A 6 3.24 -23.91 -5.68
N SER A 7 2.56 -22.77 -5.53
CA SER A 7 1.64 -22.30 -6.56
C SER A 7 2.40 -21.42 -7.54
N GLN A 8 2.30 -21.76 -8.82
CA GLN A 8 2.86 -20.94 -9.88
C GLN A 8 1.83 -20.50 -10.92
N GLY A 9 0.58 -20.82 -10.71
CA GLY A 9 -0.48 -20.33 -11.56
C GLY A 9 -0.99 -19.00 -11.06
N ARG A 10 -1.49 -18.19 -11.98
CA ARG A 10 -2.07 -16.91 -11.58
C ARG A 10 -3.34 -17.17 -10.78
N VAL A 11 -3.43 -16.54 -9.62
CA VAL A 11 -4.68 -16.48 -8.87
C VAL A 11 -4.97 -15.02 -8.54
N ALA A 12 -5.54 -14.31 -9.50
CA ALA A 12 -6.02 -12.93 -9.42
C ALA A 12 -4.90 -11.90 -9.25
N ASP A 13 -3.63 -12.29 -9.40
CA ASP A 13 -2.51 -11.43 -9.06
C ASP A 13 -2.64 -10.06 -9.72
N ARG A 14 -2.57 -9.01 -8.90
CA ARG A 14 -2.45 -7.64 -9.37
C ARG A 14 -1.03 -7.09 -9.24
N ALA A 15 -0.16 -7.80 -8.53
CA ALA A 15 1.24 -7.44 -8.40
C ALA A 15 2.03 -8.23 -9.43
N ALA A 16 3.14 -7.64 -9.88
CA ALA A 16 3.93 -8.20 -10.99
C ALA A 16 4.86 -9.34 -10.57
N TRP A 17 5.36 -9.38 -9.34
CA TRP A 17 6.46 -10.29 -9.03
C TRP A 17 6.13 -11.31 -7.94
N MET A 18 4.85 -11.56 -7.68
CA MET A 18 4.51 -12.49 -6.60
C MET A 18 4.66 -13.96 -7.01
N ILE A 19 4.47 -14.30 -8.30
CA ILE A 19 4.79 -15.67 -8.72
C ILE A 19 6.29 -15.93 -8.65
N GLU A 20 7.09 -14.94 -9.03
CA GLU A 20 8.54 -15.10 -8.89
C GLU A 20 8.94 -15.13 -7.42
N GLY A 21 8.23 -14.38 -6.57
CA GLY A 21 8.59 -14.37 -5.16
C GLY A 21 8.32 -15.71 -4.51
N ALA A 22 7.22 -16.35 -4.92
CA ALA A 22 6.92 -17.68 -4.44
C ALA A 22 7.99 -18.69 -4.89
N ALA A 23 8.41 -18.61 -6.15
CA ALA A 23 9.43 -19.53 -6.66
C ALA A 23 10.75 -19.37 -5.90
N ARG A 24 11.17 -18.13 -5.69
CA ARG A 24 12.42 -17.90 -4.97
C ARG A 24 12.33 -18.32 -3.51
N THR A 25 11.17 -18.10 -2.87
CA THR A 25 10.99 -18.59 -1.50
C THR A 25 11.06 -20.12 -1.45
N ALA A 26 10.36 -20.78 -2.40
CA ALA A 26 10.35 -22.24 -2.45
C ALA A 26 11.75 -22.79 -2.66
N ARG A 27 12.54 -22.14 -3.53
CA ARG A 27 13.89 -22.60 -3.80
C ARG A 27 14.75 -22.56 -2.55
N ALA A 28 14.64 -21.49 -1.75
CA ALA A 28 15.45 -21.37 -0.54
C ALA A 28 15.07 -22.44 0.49
N LEU A 29 13.80 -22.85 0.52
CA LEU A 29 13.38 -23.91 1.43
C LEU A 29 13.83 -25.29 0.94
N GLU A 30 13.78 -25.50 -0.38
CA GLU A 30 14.28 -26.74 -0.94
C GLU A 30 15.76 -26.93 -0.59
N GLU A 31 16.56 -25.89 -0.79
CA GLU A 31 17.99 -25.96 -0.51
C GLU A 31 18.27 -26.06 0.99
N ARG A 32 17.51 -25.33 1.82
CA ARG A 32 17.78 -25.36 3.25
C ARG A 32 17.40 -26.71 3.86
N TYR A 33 16.27 -27.28 3.43
CA TYR A 33 15.72 -28.47 4.08
C TYR A 33 15.86 -29.74 3.25
N GLY A 34 16.52 -29.70 2.10
CA GLY A 34 16.66 -30.90 1.28
C GLY A 34 15.37 -31.40 0.65
N LEU A 35 14.46 -30.50 0.30
CA LEU A 35 13.14 -30.87 -0.19
C LEU A 35 13.03 -30.66 -1.70
N LYS A 36 12.07 -31.36 -2.29
CA LYS A 36 11.63 -31.08 -3.65
C LYS A 36 10.18 -30.63 -3.60
N GLY A 37 9.91 -29.43 -4.13
CA GLY A 37 8.56 -28.89 -4.08
C GLY A 37 7.69 -29.46 -5.17
N HIS A 38 6.40 -29.58 -4.86
CA HIS A 38 5.38 -29.89 -5.85
C HIS A 38 4.86 -28.59 -6.44
N TYR A 39 5.24 -28.30 -7.69
CA TYR A 39 4.88 -27.04 -8.34
C TYR A 39 3.59 -27.20 -9.14
N VAL A 40 2.65 -26.26 -8.96
CA VAL A 40 1.30 -26.32 -9.52
C VAL A 40 0.98 -25.02 -10.25
N GLY A 41 0.48 -25.12 -11.48
CA GLY A 41 -0.05 -24.00 -12.22
C GLY A 41 0.95 -23.44 -13.21
N GLU A 42 0.40 -22.72 -14.21
CA GLU A 42 1.15 -22.07 -15.28
C GLU A 42 1.13 -20.56 -15.09
N PRO A 43 2.28 -19.89 -15.09
CA PRO A 43 2.31 -18.44 -14.91
C PRO A 43 1.50 -17.70 -15.98
N ALA A 44 1.03 -16.51 -15.60
CA ALA A 44 0.24 -15.63 -16.45
C ALA A 44 0.43 -14.22 -15.94
N PRO A 45 0.33 -13.20 -16.81
CA PRO A 45 0.59 -11.81 -16.38
C PRO A 45 -0.44 -11.28 -15.39
N HIS A 46 0.03 -10.39 -14.51
CA HIS A 46 -0.89 -9.74 -13.57
C HIS A 46 -1.84 -8.80 -14.30
N ALA A 47 -3.02 -8.61 -13.74
CA ALA A 47 -4.02 -7.76 -14.37
C ALA A 47 -4.98 -7.27 -13.31
N ASP A 48 -5.60 -6.12 -13.56
CA ASP A 48 -6.55 -5.53 -12.63
C ASP A 48 -7.97 -5.99 -12.89
N ASP A 49 -8.19 -7.28 -13.13
CA ASP A 49 -9.51 -7.78 -13.45
C ASP A 49 -10.36 -7.92 -12.17
N ASP A 50 -11.67 -7.93 -12.38
CA ASP A 50 -12.62 -8.14 -11.30
C ASP A 50 -12.54 -9.57 -10.79
N TRP A 51 -12.95 -9.77 -9.52
CA TRP A 51 -12.86 -11.09 -8.92
C TRP A 51 -13.70 -12.09 -9.69
N SER A 52 -14.83 -11.64 -10.26
CA SER A 52 -15.73 -12.53 -10.97
C SER A 52 -15.11 -13.04 -12.26
N VAL A 53 -14.12 -12.34 -12.80
CA VAL A 53 -13.37 -12.82 -13.96
C VAL A 53 -12.10 -13.55 -13.54
N ALA A 54 -11.36 -13.03 -12.54
CA ALA A 54 -10.10 -13.66 -12.12
C ALA A 54 -10.31 -15.04 -11.49
N LEU A 55 -11.42 -15.21 -10.76
CA LEU A 55 -11.66 -16.47 -10.06
C LEU A 55 -11.88 -17.65 -11.01
N PRO A 56 -12.80 -17.59 -11.98
CA PRO A 56 -12.87 -18.69 -12.97
C PRO A 56 -11.58 -18.90 -13.71
N GLN A 57 -10.84 -17.83 -14.02
CA GLN A 57 -9.54 -18.02 -14.67
C GLN A 57 -8.61 -18.88 -13.82
N ALA A 58 -8.74 -18.83 -12.49
CA ALA A 58 -7.83 -19.53 -11.60
C ALA A 58 -8.29 -20.94 -11.28
N ARG A 59 -9.37 -21.40 -11.91
CA ARG A 59 -10.01 -22.66 -11.51
C ARG A 59 -9.02 -23.82 -11.54
N GLU A 60 -8.33 -24.00 -12.66
CA GLU A 60 -7.44 -25.14 -12.82
C GLU A 60 -6.35 -25.16 -11.75
N THR A 61 -5.73 -24.01 -11.48
CA THR A 61 -4.69 -23.93 -10.45
C THR A 61 -5.25 -24.19 -9.07
N LEU A 62 -6.41 -23.62 -8.75
CA LEU A 62 -6.96 -23.79 -7.42
C LEU A 62 -7.33 -25.24 -7.15
N VAL A 63 -7.88 -25.90 -8.18
CA VAL A 63 -8.26 -27.30 -8.03
C VAL A 63 -7.01 -28.15 -7.81
N ALA A 64 -5.95 -27.87 -8.55
CA ALA A 64 -4.72 -28.63 -8.42
C ALA A 64 -4.06 -28.39 -7.05
N VAL A 65 -4.13 -27.15 -6.53
CA VAL A 65 -3.60 -26.91 -5.19
C VAL A 65 -4.40 -27.67 -4.16
N ARG A 66 -5.73 -27.59 -4.26
CA ARG A 66 -6.62 -28.31 -3.34
C ARG A 66 -6.30 -29.80 -3.29
N GLU A 67 -6.02 -30.40 -4.43
CA GLU A 67 -5.78 -31.83 -4.45
C GLU A 67 -4.41 -32.18 -3.85
N ALA A 68 -3.39 -31.35 -4.12
CA ALA A 68 -2.09 -31.59 -3.53
C ALA A 68 -2.14 -31.34 -2.02
N ALA A 69 -2.81 -30.25 -1.61
CA ALA A 69 -2.90 -29.96 -0.18
C ALA A 69 -3.67 -31.04 0.56
N THR A 70 -4.73 -31.58 -0.07
CA THR A 70 -5.52 -32.64 0.55
C THR A 70 -4.66 -33.88 0.84
N GLU A 71 -3.87 -34.31 -0.15
CA GLU A 71 -2.96 -35.43 0.04
C GLU A 71 -1.99 -35.14 1.18
N SER A 72 -1.38 -33.94 1.20
CA SER A 72 -0.43 -33.62 2.26
C SER A 72 -1.10 -33.61 3.64
N ILE A 73 -2.30 -33.05 3.73
CA ILE A 73 -2.95 -32.89 5.03
C ILE A 73 -3.41 -34.25 5.57
N LYS A 74 -3.89 -35.14 4.70
CA LYS A 74 -4.31 -36.49 5.13
C LYS A 74 -3.14 -37.26 5.73
N GLY A 75 -1.92 -37.03 5.24
CA GLY A 75 -0.76 -37.70 5.79
C GLY A 75 -0.35 -37.21 7.16
N ASP A 76 0.94 -37.28 7.47
CA ASP A 76 1.42 -36.96 8.81
C ASP A 76 2.60 -36.00 8.78
N ASN A 77 2.79 -35.28 7.68
CA ASN A 77 3.85 -34.30 7.63
C ASN A 77 3.29 -32.90 7.86
N LEU A 78 4.21 -31.94 7.97
CA LEU A 78 3.85 -30.53 8.01
C LEU A 78 3.60 -30.05 6.59
N THR A 79 2.38 -29.58 6.32
CA THR A 79 2.05 -29.06 5.00
C THR A 79 2.51 -27.61 4.89
N VAL A 80 3.38 -27.33 3.94
CA VAL A 80 3.88 -25.99 3.68
C VAL A 80 3.49 -25.61 2.26
N LEU A 81 2.59 -24.64 2.12
CA LEU A 81 2.31 -24.04 0.82
C LEU A 81 3.07 -22.72 0.70
N VAL A 82 3.77 -22.54 -0.43
CA VAL A 82 4.37 -21.27 -0.78
C VAL A 82 3.55 -20.73 -1.95
N ASN A 83 2.70 -19.74 -1.65
CA ASN A 83 1.64 -19.30 -2.54
C ASN A 83 1.98 -17.92 -3.10
N ASN A 84 1.60 -17.69 -4.36
CA ASN A 84 1.87 -16.37 -4.93
C ASN A 84 0.98 -15.31 -4.30
N THR A 85 -0.33 -15.58 -4.16
CA THR A 85 -1.28 -14.66 -3.56
C THR A 85 -2.06 -15.35 -2.46
N CYS A 86 -2.60 -14.54 -1.55
CA CYS A 86 -3.46 -15.10 -0.51
C CYS A 86 -4.67 -15.84 -1.09
N SER A 87 -5.09 -15.51 -2.32
CA SER A 87 -6.30 -16.12 -2.90
C SER A 87 -6.14 -17.62 -3.11
N VAL A 88 -4.91 -18.11 -3.22
CA VAL A 88 -4.69 -19.56 -3.22
C VAL A 88 -5.35 -20.19 -2.02
N SER A 89 -5.42 -19.46 -0.89
CA SER A 89 -6.02 -20.08 0.28
C SER A 89 -7.53 -20.24 0.16
N LEU A 90 -8.18 -19.69 -0.89
CA LEU A 90 -9.58 -20.06 -1.07
C LEU A 90 -9.74 -21.57 -1.29
N ALA A 91 -8.69 -22.24 -1.74
CA ALA A 91 -8.73 -23.67 -2.00
C ALA A 91 -8.20 -24.50 -0.84
N THR A 92 -7.25 -23.97 -0.07
CA THR A 92 -6.64 -24.72 1.01
C THR A 92 -7.40 -24.61 2.34
N LEU A 93 -7.88 -23.43 2.70
CA LEU A 93 -8.55 -23.30 3.99
C LEU A 93 -9.75 -24.23 4.14
N PRO A 94 -10.62 -24.41 3.14
CA PRO A 94 -11.71 -25.39 3.30
C PRO A 94 -11.23 -26.83 3.50
N VAL A 95 -10.12 -27.24 2.87
CA VAL A 95 -9.51 -28.53 3.17
C VAL A 95 -9.13 -28.61 4.64
N VAL A 96 -8.40 -27.60 5.15
CA VAL A 96 -7.95 -27.59 6.54
C VAL A 96 -9.13 -27.70 7.48
N ALA A 97 -10.11 -26.81 7.33
CA ALA A 97 -11.28 -26.85 8.21
C ALA A 97 -12.04 -28.16 8.09
N ARG A 98 -12.06 -28.77 6.89
CA ARG A 98 -12.72 -30.06 6.75
C ARG A 98 -11.95 -31.15 7.49
N GLU A 99 -10.65 -31.28 7.23
CA GLU A 99 -9.87 -32.33 7.86
C GLU A 99 -9.57 -32.05 9.34
N HIS A 100 -9.58 -30.80 9.78
CA HIS A 100 -9.33 -30.43 11.18
C HIS A 100 -10.39 -29.43 11.62
N PRO A 101 -11.59 -29.90 11.96
CA PRO A 101 -12.67 -28.98 12.30
C PRO A 101 -12.41 -28.12 13.52
N ASP A 102 -11.45 -28.50 14.37
CA ASP A 102 -11.13 -27.78 15.60
C ASP A 102 -9.94 -26.84 15.45
N ALA A 103 -9.34 -26.79 14.27
CA ALA A 103 -8.14 -26.01 14.08
C ALA A 103 -8.45 -24.52 14.13
N VAL A 104 -7.51 -23.77 14.70
CA VAL A 104 -7.58 -22.33 14.69
C VAL A 104 -6.70 -21.84 13.56
N VAL A 105 -7.23 -20.95 12.73
CA VAL A 105 -6.45 -20.36 11.64
C VAL A 105 -5.91 -19.02 12.12
N LEU A 106 -4.58 -18.91 12.19
CA LEU A 106 -3.89 -17.65 12.37
C LEU A 106 -3.68 -17.04 10.99
N TYR A 107 -4.44 -15.98 10.68
CA TYR A 107 -4.38 -15.28 9.40
C TYR A 107 -3.58 -14.02 9.64
N ILE A 108 -2.28 -14.08 9.35
CA ILE A 108 -1.35 -13.02 9.69
C ILE A 108 -1.25 -12.13 8.46
N ASP A 109 -1.74 -10.90 8.59
CA ASP A 109 -1.90 -10.07 7.39
C ASP A 109 -2.01 -8.61 7.82
N GLY A 110 -1.45 -7.71 7.03
CA GLY A 110 -1.69 -6.30 7.28
C GLY A 110 -3.15 -5.90 7.10
N HIS A 111 -3.91 -6.73 6.38
CA HIS A 111 -5.29 -6.47 6.01
C HIS A 111 -6.21 -7.51 6.66
N GLY A 112 -7.51 -7.23 6.58
CA GLY A 112 -8.50 -8.19 7.04
C GLY A 112 -8.82 -9.31 6.04
N ASP A 113 -8.64 -9.03 4.74
CA ASP A 113 -9.06 -9.90 3.63
C ASP A 113 -10.45 -10.50 3.84
N PHE A 114 -11.38 -9.67 4.31
CA PHE A 114 -12.70 -10.12 4.74
C PHE A 114 -13.81 -9.41 3.97
N ASN A 115 -13.52 -8.95 2.76
CA ASN A 115 -14.55 -8.37 1.92
C ASN A 115 -15.37 -9.47 1.26
N THR A 116 -16.63 -9.17 0.99
CA THR A 116 -17.56 -9.93 0.18
C THR A 116 -17.78 -9.21 -1.14
N PRO A 117 -18.42 -9.86 -2.12
CA PRO A 117 -18.68 -9.15 -3.38
C PRO A 117 -19.42 -7.83 -3.19
N GLU A 118 -20.22 -7.73 -2.15
CA GLU A 118 -21.02 -6.54 -1.91
C GLU A 118 -20.27 -5.46 -1.13
N THR A 119 -19.18 -5.79 -0.46
CA THR A 119 -18.44 -4.74 0.25
C THR A 119 -17.15 -4.31 -0.42
N THR A 120 -16.65 -5.07 -1.39
CA THR A 120 -15.32 -4.76 -1.90
C THR A 120 -15.34 -3.45 -2.70
N ASP A 121 -14.37 -2.58 -2.41
CA ASP A 121 -14.20 -1.35 -3.18
C ASP A 121 -13.36 -1.54 -4.42
N THR A 122 -12.44 -2.52 -4.42
CA THR A 122 -11.54 -2.75 -5.54
C THR A 122 -11.92 -3.94 -6.42
N GLY A 123 -12.86 -4.79 -6.00
CA GLY A 123 -13.08 -6.03 -6.72
C GLY A 123 -11.93 -7.02 -6.70
N TYR A 124 -10.96 -6.85 -5.82
CA TYR A 124 -9.78 -7.71 -5.78
C TYR A 124 -10.06 -8.97 -4.98
N LEU A 125 -9.94 -10.14 -5.63
CA LEU A 125 -10.17 -11.43 -4.96
C LEU A 125 -9.30 -11.62 -3.72
N GLY A 126 -8.08 -11.05 -3.69
CA GLY A 126 -7.22 -11.22 -2.53
C GLY A 126 -7.70 -10.55 -1.26
N GLY A 127 -8.61 -9.57 -1.38
CA GLY A 127 -9.30 -8.98 -0.26
C GLY A 127 -10.54 -9.72 0.19
N MET A 128 -10.81 -10.90 -0.37
CA MET A 128 -12.03 -11.64 -0.10
C MET A 128 -11.76 -13.08 0.35
N VAL A 129 -10.54 -13.37 0.84
CA VAL A 129 -10.08 -14.75 1.03
C VAL A 129 -10.66 -15.36 2.31
N LEU A 130 -10.46 -14.69 3.44
CA LEU A 130 -10.89 -15.23 4.72
C LEU A 130 -12.39 -15.23 4.86
N SER A 131 -13.05 -14.22 4.29
CA SER A 131 -14.51 -14.19 4.23
C SER A 131 -15.05 -15.31 3.35
N GLY A 132 -14.36 -15.62 2.25
CA GLY A 132 -14.81 -16.72 1.41
C GLY A 132 -14.66 -18.06 2.11
N ALA A 133 -13.60 -18.22 2.89
CA ALA A 133 -13.38 -19.51 3.55
C ALA A 133 -14.33 -19.68 4.72
N CYS A 134 -14.75 -18.59 5.32
CA CYS A 134 -15.77 -18.61 6.37
C CYS A 134 -17.20 -18.64 5.82
N GLY A 135 -17.38 -18.58 4.51
CA GLY A 135 -18.71 -18.71 3.93
C GLY A 135 -19.57 -17.48 3.95
N LEU A 136 -18.97 -16.28 4.12
CA LEU A 136 -19.78 -15.09 3.90
C LEU A 136 -20.12 -14.89 2.42
N TRP A 137 -19.39 -15.55 1.53
CA TRP A 137 -19.72 -15.56 0.12
C TRP A 137 -19.22 -16.87 -0.45
N ASP A 138 -19.68 -17.20 -1.66
CA ASP A 138 -19.40 -18.50 -2.27
C ASP A 138 -18.26 -18.38 -3.30
N SER A 139 -17.09 -18.91 -2.96
CA SER A 139 -15.97 -18.89 -3.88
C SER A 139 -16.02 -20.00 -4.91
N GLY A 140 -16.90 -20.98 -4.74
CA GLY A 140 -16.86 -22.15 -5.57
C GLY A 140 -15.88 -23.21 -5.11
N HIS A 141 -15.16 -22.98 -4.02
CA HIS A 141 -14.14 -23.92 -3.55
C HIS A 141 -14.41 -24.38 -2.12
N GLY A 142 -15.62 -24.17 -1.66
CA GLY A 142 -16.00 -24.57 -0.34
C GLY A 142 -15.79 -23.47 0.66
N ALA A 143 -16.21 -23.75 1.88
CA ALA A 143 -16.10 -22.84 3.00
C ALA A 143 -15.87 -23.73 4.23
N GLY A 144 -16.65 -23.57 5.30
CA GLY A 144 -16.53 -24.45 6.44
C GLY A 144 -15.66 -23.95 7.58
N LEU A 145 -14.88 -22.89 7.39
CA LEU A 145 -14.11 -22.33 8.47
C LEU A 145 -15.05 -21.55 9.37
N ARG A 146 -15.15 -21.94 10.63
CA ARG A 146 -15.89 -21.15 11.59
C ARG A 146 -15.15 -19.84 11.84
N PRO A 147 -15.82 -18.68 11.75
CA PRO A 147 -15.15 -17.42 12.07
C PRO A 147 -14.70 -17.35 13.51
N GLU A 148 -15.40 -18.07 14.39
CA GLU A 148 -14.96 -18.20 15.78
C GLU A 148 -13.58 -18.81 15.87
N GLN A 149 -13.16 -19.59 14.87
CA GLN A 149 -11.84 -20.21 14.89
C GLN A 149 -10.84 -19.50 13.99
N ALA A 150 -11.18 -18.29 13.51
CA ALA A 150 -10.30 -17.46 12.70
C ALA A 150 -9.77 -16.31 13.55
N VAL A 151 -8.47 -16.05 13.47
CA VAL A 151 -7.83 -14.97 14.23
C VAL A 151 -6.94 -14.18 13.27
N LEU A 152 -7.31 -12.91 13.03
CA LEU A 152 -6.47 -11.98 12.28
C LEU A 152 -5.35 -11.45 13.16
N VAL A 153 -4.11 -11.57 12.69
CA VAL A 153 -2.93 -11.20 13.47
C VAL A 153 -2.18 -10.10 12.72
N GLY A 154 -1.99 -8.96 13.39
CA GLY A 154 -1.30 -7.85 12.80
C GLY A 154 -2.11 -6.99 11.84
N SER A 155 -3.41 -7.21 11.71
CA SER A 155 -4.20 -6.33 10.86
C SER A 155 -4.38 -4.96 11.50
N ARG A 156 -4.42 -3.93 10.67
CA ARG A 156 -4.52 -2.56 11.15
C ARG A 156 -5.17 -1.73 10.07
N ASP A 157 -5.71 -0.58 10.47
CA ASP A 157 -6.32 0.38 9.55
C ASP A 157 -7.31 -0.30 8.63
N ILE A 158 -8.26 -0.99 9.22
CA ILE A 158 -9.26 -1.73 8.49
C ILE A 158 -10.46 -0.81 8.22
N ASP A 159 -10.96 -0.86 6.98
CA ASP A 159 -12.15 -0.07 6.62
C ASP A 159 -13.28 -0.35 7.61
N GLU A 160 -13.94 0.72 8.05
CA GLU A 160 -15.00 0.55 9.05
C GLU A 160 -16.08 -0.39 8.55
N GLY A 161 -16.38 -0.36 7.25
CA GLY A 161 -17.30 -1.34 6.68
C GLY A 161 -16.81 -2.76 6.84
N GLU A 162 -15.57 -3.03 6.42
CA GLU A 162 -15.02 -4.38 6.57
C GLU A 162 -14.91 -4.77 8.04
N ARG A 163 -14.46 -3.84 8.89
CA ARG A 163 -14.26 -4.14 10.31
C ARG A 163 -15.58 -4.51 10.97
N GLU A 164 -16.71 -4.01 10.44
CA GLU A 164 -17.97 -4.40 11.06
C GLU A 164 -18.40 -5.80 10.63
N LEU A 165 -18.10 -6.18 9.39
CA LEU A 165 -18.32 -7.58 9.00
C LEU A 165 -17.49 -8.52 9.87
N ILE A 166 -16.23 -8.15 10.14
CA ILE A 166 -15.33 -8.97 10.94
C ILE A 166 -15.90 -9.18 12.35
N ARG A 167 -16.44 -8.11 12.93
CA ARG A 167 -16.89 -8.29 14.31
C ARG A 167 -18.24 -9.00 14.36
N LYS A 168 -19.14 -8.69 13.42
CA LYS A 168 -20.40 -9.43 13.36
C LYS A 168 -20.15 -10.92 13.11
N ALA A 169 -19.13 -11.26 12.31
CA ALA A 169 -18.82 -12.66 12.07
C ALA A 169 -18.25 -13.35 13.30
N GLY A 170 -17.59 -12.61 14.19
CA GLY A 170 -16.94 -13.21 15.33
C GLY A 170 -15.43 -13.43 15.18
N VAL A 171 -14.82 -12.86 14.14
CA VAL A 171 -13.39 -12.98 13.93
C VAL A 171 -12.66 -12.04 14.89
N ARG A 172 -11.70 -12.59 15.62
CA ARG A 172 -10.85 -11.81 16.50
C ARG A 172 -9.72 -11.12 15.72
N VAL A 173 -9.37 -9.92 16.15
CA VAL A 173 -8.24 -9.19 15.59
C VAL A 173 -7.25 -8.93 16.69
N ILE A 174 -5.98 -9.21 16.42
CA ILE A 174 -4.87 -8.89 17.32
C ILE A 174 -3.92 -7.98 16.57
N PRO A 175 -3.99 -6.67 16.80
CA PRO A 175 -3.16 -5.71 16.06
C PRO A 175 -1.70 -5.86 16.40
N PRO A 176 -0.80 -5.29 15.59
CA PRO A 176 0.64 -5.57 15.75
C PRO A 176 1.23 -5.21 17.11
N GLY A 177 0.74 -4.15 17.75
CA GLY A 177 1.26 -3.82 19.06
C GLY A 177 0.81 -4.77 20.15
N GLU A 178 -0.22 -5.58 19.87
CA GLU A 178 -0.70 -6.60 20.79
C GLU A 178 -0.26 -8.01 20.43
N ALA A 179 0.40 -8.19 19.29
CA ALA A 179 0.63 -9.53 18.71
C ALA A 179 1.93 -10.14 19.26
N THR A 180 1.95 -10.34 20.58
CA THR A 180 3.02 -11.12 21.18
C THR A 180 2.74 -12.61 21.00
N ALA A 181 3.77 -13.42 21.23
CA ALA A 181 3.59 -14.87 21.16
C ALA A 181 2.57 -15.34 22.18
N GLN A 182 2.65 -14.84 23.42
CA GLN A 182 1.67 -15.26 24.42
C GLN A 182 0.26 -14.84 24.04
N ALA A 183 0.09 -13.60 23.57
CA ALA A 183 -1.21 -13.19 23.07
C ALA A 183 -1.72 -14.16 22.01
N VAL A 184 -0.86 -14.59 21.10
CA VAL A 184 -1.30 -15.50 20.04
C VAL A 184 -1.54 -16.90 20.61
N LEU A 185 -0.68 -17.34 21.53
CA LEU A 185 -0.90 -18.61 22.25
C LEU A 185 -2.23 -18.61 22.98
N ASP A 186 -2.54 -17.51 23.69
CA ASP A 186 -3.81 -17.47 24.40
C ASP A 186 -5.00 -17.51 23.46
N ALA A 187 -4.80 -17.08 22.19
CA ALA A 187 -5.89 -17.07 21.23
C ALA A 187 -6.20 -18.47 20.71
N VAL A 188 -5.18 -19.28 20.46
CA VAL A 188 -5.44 -20.62 19.91
C VAL A 188 -5.84 -21.63 20.98
N LYS A 189 -5.72 -21.31 22.27
CA LYS A 189 -6.04 -22.22 23.38
C LYS A 189 -5.51 -23.64 23.15
N ASP A 190 -6.37 -24.65 23.16
CA ASP A 190 -5.90 -26.03 23.01
C ASP A 190 -5.97 -26.55 21.56
N ALA A 191 -6.17 -25.67 20.57
CA ALA A 191 -6.47 -26.18 19.22
C ALA A 191 -5.19 -26.50 18.45
N PRO A 192 -5.26 -27.38 17.46
CA PRO A 192 -4.24 -27.41 16.42
C PRO A 192 -4.31 -26.13 15.57
N VAL A 193 -3.22 -25.80 14.89
CA VAL A 193 -3.02 -24.45 14.38
C VAL A 193 -2.59 -24.49 12.90
N TRP A 194 -3.25 -23.68 12.08
CA TRP A 194 -2.81 -23.40 10.71
C TRP A 194 -2.38 -21.93 10.59
N ILE A 195 -1.18 -21.70 10.09
CA ILE A 195 -0.64 -20.34 9.99
C ILE A 195 -0.65 -19.92 8.52
N HIS A 196 -1.29 -18.80 8.23
CA HIS A 196 -1.31 -18.21 6.90
C HIS A 196 -0.62 -16.86 7.04
N ILE A 197 0.45 -16.62 6.28
CA ILE A 197 1.15 -15.33 6.33
C ILE A 197 1.06 -14.60 5.00
N ASP A 198 0.63 -13.34 5.04
CA ASP A 198 0.77 -12.34 3.99
C ASP A 198 1.88 -11.39 4.42
N TRP A 199 2.98 -11.33 3.65
CA TRP A 199 4.13 -10.52 4.08
C TRP A 199 3.83 -9.00 4.13
N ASP A 200 2.71 -8.51 3.58
CA ASP A 200 2.44 -7.08 3.83
C ASP A 200 2.16 -6.78 5.31
N VAL A 201 2.08 -7.79 6.18
CA VAL A 201 1.92 -7.53 7.61
C VAL A 201 3.16 -6.84 8.20
N LEU A 202 4.33 -7.03 7.60
CA LEU A 202 5.57 -6.61 8.23
C LEU A 202 5.79 -5.11 8.14
N GLU A 203 6.43 -4.56 9.15
CA GLU A 203 6.86 -3.17 9.06
C GLU A 203 7.81 -3.02 7.86
N PRO A 204 7.61 -2.03 7.00
CA PRO A 204 8.46 -1.88 5.81
C PRO A 204 9.94 -1.86 6.18
N GLY A 205 10.72 -2.66 5.47
CA GLY A 205 12.13 -2.89 5.72
C GLY A 205 12.93 -1.63 5.99
N SER A 206 12.94 -1.21 7.24
CA SER A 206 13.80 -0.13 7.72
C SER A 206 14.10 -0.39 9.19
N ILE A 207 14.61 -1.58 9.49
CA ILE A 207 14.93 -1.99 10.87
C ILE A 207 16.01 -1.09 11.47
N PRO A 208 16.68 -0.20 10.69
CA PRO A 208 17.20 1.04 11.30
C PRO A 208 16.09 1.93 11.84
N ALA A 209 15.21 1.37 12.68
CA ALA A 209 14.16 2.13 13.37
C ALA A 209 14.17 1.75 14.85
N ASP A 210 15.30 2.04 15.51
CA ASP A 210 15.42 1.77 16.94
C ASP A 210 14.67 2.80 17.78
N TYR A 211 14.44 3.99 17.23
CA TYR A 211 13.76 5.06 17.97
C TYR A 211 12.37 5.37 17.41
N THR A 212 11.88 4.54 16.49
CA THR A 212 10.51 4.63 15.97
C THR A 212 9.71 3.42 16.42
N VAL A 213 8.49 3.65 16.89
CA VAL A 213 7.55 2.57 17.15
C VAL A 213 6.96 2.08 15.84
N PRO A 214 7.06 0.79 15.52
CA PRO A 214 6.60 0.31 14.21
C PRO A 214 5.09 0.21 14.10
N ASP A 215 4.59 0.37 12.87
CA ASP A 215 3.16 0.21 12.60
C ASP A 215 2.78 -1.22 12.20
N GLY A 216 3.66 -1.91 11.50
CA GLY A 216 3.47 -3.32 11.22
C GLY A 216 4.12 -4.19 12.28
N MET A 217 4.13 -5.49 12.01
CA MET A 217 4.84 -6.44 12.86
C MET A 217 6.29 -6.51 12.43
N LEU A 218 7.19 -6.69 13.41
CA LEU A 218 8.61 -6.91 13.17
C LEU A 218 8.88 -8.38 12.88
N PRO A 219 9.91 -8.68 12.07
CA PRO A 219 10.29 -10.09 11.87
C PRO A 219 10.39 -10.87 13.17
N ALA A 220 10.94 -10.26 14.23
CA ALA A 220 11.12 -10.98 15.47
C ALA A 220 9.81 -11.43 16.07
N GLN A 221 8.73 -10.65 15.91
CA GLN A 221 7.43 -11.04 16.43
C GLN A 221 6.88 -12.25 15.70
N ILE A 222 7.11 -12.33 14.38
CA ILE A 222 6.69 -13.49 13.62
C ILE A 222 7.50 -14.71 14.04
N ARG A 223 8.82 -14.57 14.12
CA ARG A 223 9.64 -15.66 14.61
C ARG A 223 9.15 -16.13 15.99
N ALA A 224 8.90 -15.18 16.89
CA ALA A 224 8.44 -15.55 18.23
C ALA A 224 7.14 -16.36 18.17
N VAL A 225 6.24 -16.03 17.23
CA VAL A 225 5.04 -16.85 17.04
C VAL A 225 5.41 -18.27 16.61
N PHE A 226 6.28 -18.40 15.62
CA PHE A 226 6.65 -19.76 15.20
C PHE A 226 7.31 -20.54 16.35
N GLU A 227 8.21 -19.90 17.12
CA GLU A 227 8.82 -20.58 18.28
C GLU A 227 7.79 -21.11 19.27
N ALA A 228 6.67 -20.40 19.44
CA ALA A 228 5.75 -20.70 20.53
C ALA A 228 4.66 -21.72 20.19
N ILE A 229 4.39 -22.00 18.91
CA ILE A 229 3.40 -23.03 18.59
C ILE A 229 4.05 -24.39 18.75
N PRO A 230 3.54 -25.28 19.60
CA PRO A 230 4.18 -26.60 19.73
C PRO A 230 4.10 -27.36 18.42
N ALA A 231 5.24 -27.96 18.02
CA ALA A 231 5.34 -28.61 16.71
C ALA A 231 4.24 -29.64 16.50
N GLU A 232 3.83 -30.34 17.56
CA GLU A 232 2.77 -31.35 17.46
C GLU A 232 1.39 -30.74 17.26
N ARG A 233 1.22 -29.44 17.44
CA ARG A 233 -0.04 -28.76 17.16
C ARG A 233 -0.06 -28.05 15.82
N LEU A 234 1.07 -27.91 15.15
CA LEU A 234 1.13 -27.13 13.91
C LEU A 234 0.71 -28.02 12.74
N ILE A 235 -0.45 -27.73 12.15
CA ILE A 235 -0.90 -28.48 10.99
C ILE A 235 -0.12 -28.09 9.74
N GLY A 236 -0.04 -26.79 9.45
CA GLY A 236 0.64 -26.36 8.25
C GLY A 236 0.83 -24.86 8.24
N VAL A 237 1.46 -24.38 7.17
CA VAL A 237 1.91 -23.00 7.07
C VAL A 237 1.79 -22.58 5.60
N GLU A 238 1.20 -21.40 5.38
CA GLU A 238 1.14 -20.80 4.05
C GLU A 238 1.92 -19.49 4.09
N LEU A 239 2.83 -19.34 3.14
CA LEU A 239 3.63 -18.15 2.94
C LEU A 239 3.22 -17.51 1.60
N ALA A 240 2.66 -16.30 1.65
CA ALA A 240 2.08 -15.69 0.46
C ALA A 240 2.55 -14.25 0.29
N GLU A 241 2.64 -13.83 -0.97
CA GLU A 241 2.71 -12.41 -1.39
C GLU A 241 4.07 -11.77 -1.10
N LEU A 242 5.14 -12.47 -1.45
CA LEU A 242 6.44 -11.83 -1.62
C LEU A 242 6.48 -11.23 -3.02
N ASN A 243 6.50 -9.90 -3.11
CA ASN A 243 6.58 -9.23 -4.41
C ASN A 243 8.02 -8.82 -4.64
N ALA A 244 8.83 -9.73 -5.17
CA ALA A 244 10.22 -9.40 -5.47
C ALA A 244 10.60 -10.10 -6.78
N PRO A 245 11.20 -9.38 -7.73
CA PRO A 245 11.57 -10.01 -9.00
C PRO A 245 12.58 -11.12 -8.78
N ALA A 246 12.42 -12.21 -9.53
CA ALA A 246 13.44 -13.26 -9.51
C ALA A 246 14.76 -12.69 -10.00
N ASP A 247 15.86 -13.17 -9.41
CA ASP A 247 17.22 -12.70 -9.68
C ASP A 247 17.57 -11.45 -8.90
N SER A 248 16.59 -10.74 -8.36
CA SER A 248 16.93 -9.46 -7.76
C SER A 248 17.71 -9.70 -6.46
N GLU A 249 18.53 -8.71 -6.10
CA GLU A 249 19.12 -8.68 -4.77
C GLU A 249 18.05 -8.56 -3.70
N ARG A 250 16.95 -7.87 -4.02
CA ARG A 250 15.86 -7.71 -3.06
C ARG A 250 15.23 -9.05 -2.68
N ALA A 251 15.05 -9.94 -3.65
CA ALA A 251 14.45 -11.24 -3.38
C ALA A 251 15.37 -12.06 -2.46
N GLU A 252 16.66 -12.10 -2.78
CA GLU A 252 17.60 -12.82 -1.93
C GLU A 252 17.58 -12.27 -0.50
N GLN A 253 17.57 -10.95 -0.35
CA GLN A 253 17.50 -10.38 1.00
C GLN A 253 16.19 -10.73 1.70
N ALA A 254 15.09 -10.77 0.94
CA ALA A 254 13.79 -11.03 1.55
C ALA A 254 13.69 -12.47 2.01
N VAL A 255 14.14 -13.41 1.17
CA VAL A 255 13.97 -14.80 1.57
C VAL A 255 14.87 -15.15 2.76
N ALA A 256 15.95 -14.40 2.99
CA ALA A 256 16.80 -14.69 4.15
C ALA A 256 16.11 -14.29 5.45
N VAL A 257 15.37 -13.18 5.44
CA VAL A 257 14.55 -12.82 6.59
C VAL A 257 13.43 -13.84 6.78
N ILE A 258 12.81 -14.30 5.68
CA ILE A 258 11.73 -15.28 5.75
C ILE A 258 12.22 -16.59 6.38
N LEU A 259 13.36 -17.10 5.90
CA LEU A 259 13.92 -18.34 6.47
C LEU A 259 14.17 -18.21 7.97
N ASP A 260 14.63 -17.04 8.42
CA ASP A 260 14.89 -16.88 9.84
C ASP A 260 13.60 -16.84 10.64
N MET A 261 12.53 -16.25 10.09
CA MET A 261 11.26 -16.21 10.80
C MET A 261 10.66 -17.59 10.97
N VAL A 262 10.68 -18.41 9.92
CA VAL A 262 9.99 -19.70 9.95
C VAL A 262 10.84 -20.84 10.51
N ALA A 263 12.16 -20.64 10.67
CA ALA A 263 13.08 -21.69 11.12
C ALA A 263 12.60 -22.46 12.35
N PRO A 264 12.13 -21.82 13.42
CA PRO A 264 11.69 -22.62 14.59
C PRO A 264 10.68 -23.70 14.23
N ALA A 265 9.71 -23.38 13.40
CA ALA A 265 8.66 -24.32 13.01
C ALA A 265 9.20 -25.37 12.07
N PHE A 266 9.92 -24.96 11.02
CA PHE A 266 10.33 -25.91 10.01
C PHE A 266 11.45 -26.82 10.54
N ASP A 267 12.30 -26.31 11.43
CA ASP A 267 13.36 -27.14 12.00
C ASP A 267 12.77 -28.27 12.83
N ALA A 268 11.80 -27.95 13.68
CA ALA A 268 11.16 -28.95 14.53
C ALA A 268 10.39 -29.99 13.70
N ALA A 269 9.80 -29.57 12.57
CA ALA A 269 9.11 -30.53 11.72
C ALA A 269 10.09 -31.38 10.92
N ALA A 270 11.20 -30.79 10.46
CA ALA A 270 12.20 -31.59 9.76
C ALA A 270 12.86 -32.61 10.67
N ALA A 271 12.91 -32.35 11.98
CA ALA A 271 13.54 -33.29 12.90
C ALA A 271 12.64 -34.46 13.23
N ARG A 272 11.33 -34.22 13.41
CA ARG A 272 10.31 -35.27 13.61
C ARG A 272 10.57 -36.52 12.74
N MET B 1 12.84 0.36 -0.95
CA MET B 1 11.44 -0.04 -1.07
C MET B 1 10.54 1.19 -0.93
N ILE B 2 9.23 0.97 -0.90
CA ILE B 2 8.22 2.02 -0.88
C ILE B 2 7.65 2.16 0.52
N ASP B 3 7.68 3.39 1.04
CA ASP B 3 7.04 3.76 2.30
C ASP B 3 5.75 4.53 2.02
N LEU B 4 4.62 3.86 2.15
CA LEU B 4 3.32 4.42 1.78
C LEU B 4 2.65 5.02 3.02
N ILE B 5 2.48 6.35 3.02
CA ILE B 5 1.80 7.09 4.08
C ILE B 5 0.50 7.66 3.51
N VAL B 6 -0.59 7.52 4.26
CA VAL B 6 -1.91 7.90 3.77
C VAL B 6 -2.54 8.86 4.78
N SER B 7 -2.82 10.09 4.33
CA SER B 7 -3.51 11.07 5.17
C SER B 7 -5.01 10.78 5.11
N GLN B 8 -5.64 10.58 6.27
CA GLN B 8 -7.09 10.35 6.31
C GLN B 8 -7.83 11.40 7.13
N GLY B 9 -7.14 12.41 7.66
CA GLY B 9 -7.78 13.48 8.40
C GLY B 9 -8.08 14.68 7.54
N ARG B 10 -9.15 15.40 7.89
CA ARG B 10 -9.54 16.56 7.11
C ARG B 10 -8.47 17.65 7.18
N VAL B 11 -8.07 18.17 6.01
CA VAL B 11 -7.22 19.35 5.94
C VAL B 11 -7.84 20.33 4.96
N ALA B 12 -8.93 20.98 5.38
CA ALA B 12 -9.62 22.00 4.60
C ALA B 12 -10.40 21.44 3.42
N ASP B 13 -10.67 20.13 3.39
CA ASP B 13 -11.46 19.51 2.31
C ASP B 13 -12.78 20.26 2.09
N ARG B 14 -13.04 20.61 0.83
CA ARG B 14 -14.31 21.16 0.45
C ARG B 14 -15.14 20.22 -0.42
N ALA B 15 -14.51 19.21 -1.03
CA ALA B 15 -15.23 18.17 -1.73
C ALA B 15 -15.55 17.02 -0.77
N ALA B 16 -16.49 16.17 -1.17
CA ALA B 16 -17.01 15.18 -0.25
C ALA B 16 -16.16 13.90 -0.16
N TRP B 17 -15.35 13.59 -1.17
CA TRP B 17 -14.81 12.24 -1.28
C TRP B 17 -13.30 12.24 -1.47
N MET B 18 -12.59 13.25 -0.95
CA MET B 18 -11.16 13.26 -1.16
C MET B 18 -10.42 12.38 -0.15
N ILE B 19 -10.99 12.19 1.05
CA ILE B 19 -10.44 11.20 1.97
C ILE B 19 -10.70 9.78 1.46
N GLU B 20 -11.90 9.52 0.92
CA GLU B 20 -12.19 8.25 0.26
C GLU B 20 -11.33 8.04 -0.99
N GLY B 21 -11.08 9.11 -1.74
CA GLY B 21 -10.24 9.00 -2.92
C GLY B 21 -8.79 8.74 -2.57
N ALA B 22 -8.30 9.31 -1.48
CA ALA B 22 -6.97 8.95 -1.00
C ALA B 22 -6.93 7.49 -0.59
N ALA B 23 -7.97 7.00 0.10
CA ALA B 23 -7.99 5.61 0.52
C ALA B 23 -8.04 4.65 -0.67
N ARG B 24 -8.80 5.00 -1.70
CA ARG B 24 -8.89 4.14 -2.87
C ARG B 24 -7.57 4.11 -3.63
N THR B 25 -6.89 5.25 -3.73
CA THR B 25 -5.56 5.28 -4.34
C THR B 25 -4.57 4.46 -3.55
N ALA B 26 -4.59 4.60 -2.22
CA ALA B 26 -3.67 3.83 -1.39
C ALA B 26 -3.90 2.33 -1.56
N ARG B 27 -5.15 1.89 -1.56
CA ARG B 27 -5.40 0.46 -1.67
C ARG B 27 -5.02 -0.09 -3.06
N ALA B 28 -5.14 0.71 -4.13
CA ALA B 28 -4.65 0.25 -5.44
C ALA B 28 -3.13 0.09 -5.46
N LEU B 29 -2.40 1.02 -4.84
CA LEU B 29 -0.95 0.88 -4.66
C LEU B 29 -0.62 -0.32 -3.78
N GLU B 30 -1.42 -0.55 -2.74
CA GLU B 30 -1.19 -1.70 -1.89
C GLU B 30 -1.29 -2.98 -2.70
N GLU B 31 -2.37 -3.12 -3.48
CA GLU B 31 -2.56 -4.31 -4.29
C GLU B 31 -1.53 -4.42 -5.42
N ARG B 32 -1.08 -3.30 -5.98
CA ARG B 32 -0.13 -3.38 -7.10
C ARG B 32 1.27 -3.75 -6.62
N TYR B 33 1.64 -3.34 -5.42
CA TYR B 33 3.02 -3.45 -4.97
C TYR B 33 3.20 -4.32 -3.73
N GLY B 34 2.12 -4.88 -3.18
CA GLY B 34 2.24 -5.80 -2.06
C GLY B 34 2.56 -5.07 -0.77
N LEU B 35 1.81 -4.02 -0.49
CA LEU B 35 2.13 -3.08 0.57
C LEU B 35 0.96 -3.00 1.55
N LYS B 36 1.24 -2.44 2.72
CA LYS B 36 0.20 -1.97 3.62
C LYS B 36 0.58 -0.54 4.00
N GLY B 37 -0.27 0.43 3.69
CA GLY B 37 0.02 1.81 4.03
C GLY B 37 -0.02 2.07 5.53
N HIS B 38 0.63 3.16 5.93
CA HIS B 38 0.53 3.74 7.27
C HIS B 38 -0.50 4.88 7.22
N TYR B 39 -1.64 4.71 7.88
CA TYR B 39 -2.74 5.66 7.80
C TYR B 39 -2.70 6.65 8.96
N VAL B 40 -2.80 7.93 8.65
CA VAL B 40 -2.66 8.98 9.66
C VAL B 40 -3.90 9.88 9.60
N GLY B 41 -4.57 10.06 10.71
CA GLY B 41 -5.61 11.08 10.75
C GLY B 41 -7.02 10.49 10.81
N GLU B 42 -7.93 11.25 11.40
CA GLU B 42 -9.29 10.77 11.54
C GLU B 42 -10.23 11.61 10.69
N PRO B 43 -11.12 10.98 9.91
CA PRO B 43 -11.96 11.75 8.99
C PRO B 43 -12.85 12.76 9.71
N ALA B 44 -13.12 13.87 9.02
CA ALA B 44 -14.10 14.86 9.41
C ALA B 44 -14.86 15.31 8.17
N PRO B 45 -16.11 15.76 8.33
CA PRO B 45 -16.89 16.12 7.14
C PRO B 45 -16.30 17.35 6.46
N HIS B 46 -16.49 17.42 5.15
CA HIS B 46 -16.02 18.59 4.42
C HIS B 46 -16.87 19.80 4.77
N ALA B 47 -16.23 20.97 4.73
CA ALA B 47 -16.90 22.23 5.02
C ALA B 47 -16.39 23.27 4.04
N ASP B 48 -17.15 24.35 3.90
CA ASP B 48 -16.77 25.43 3.02
C ASP B 48 -16.21 26.61 3.82
N ASP B 49 -15.17 26.33 4.60
CA ASP B 49 -14.67 27.31 5.54
C ASP B 49 -13.45 28.06 4.99
N ASP B 50 -13.08 29.11 5.71
CA ASP B 50 -11.92 29.93 5.42
C ASP B 50 -10.65 29.26 5.93
N TRP B 51 -9.51 29.60 5.30
CA TRP B 51 -8.23 29.01 5.71
C TRP B 51 -7.96 29.27 7.19
N SER B 52 -8.29 30.48 7.67
CA SER B 52 -8.09 30.84 9.07
C SER B 52 -8.86 29.93 10.02
N VAL B 53 -9.93 29.29 9.54
CA VAL B 53 -10.67 28.32 10.31
C VAL B 53 -10.16 26.90 10.07
N ALA B 54 -9.95 26.54 8.81
CA ALA B 54 -9.57 25.16 8.48
C ALA B 54 -8.16 24.84 8.93
N LEU B 55 -7.24 25.80 8.81
CA LEU B 55 -5.84 25.56 9.20
C LEU B 55 -5.67 25.18 10.68
N PRO B 56 -6.22 25.93 11.65
CA PRO B 56 -6.07 25.48 13.04
C PRO B 56 -6.81 24.19 13.34
N GLN B 57 -7.96 23.96 12.68
CA GLN B 57 -8.69 22.71 12.86
C GLN B 57 -7.88 21.49 12.41
N ALA B 58 -7.03 21.66 11.38
CA ALA B 58 -6.24 20.56 10.80
C ALA B 58 -4.94 20.26 11.54
N ARG B 59 -4.69 20.88 12.71
CA ARG B 59 -3.33 20.92 13.24
C ARG B 59 -2.83 19.55 13.69
N GLU B 60 -3.68 18.74 14.32
CA GLU B 60 -3.20 17.44 14.76
C GLU B 60 -2.93 16.53 13.56
N THR B 61 -3.80 16.57 12.56
CA THR B 61 -3.52 15.79 11.34
C THR B 61 -2.19 16.23 10.73
N LEU B 62 -1.97 17.55 10.61
CA LEU B 62 -0.73 18.04 9.99
C LEU B 62 0.49 17.68 10.82
N VAL B 63 0.40 17.81 12.15
CA VAL B 63 1.52 17.40 13.00
C VAL B 63 1.81 15.92 12.83
N ALA B 64 0.76 15.10 12.77
CA ALA B 64 0.97 13.67 12.66
C ALA B 64 1.56 13.30 11.31
N VAL B 65 1.14 13.97 10.22
CA VAL B 65 1.72 13.68 8.92
C VAL B 65 3.20 14.11 8.90
N ARG B 66 3.50 15.31 9.39
CA ARG B 66 4.88 15.78 9.48
C ARG B 66 5.80 14.75 10.13
N GLU B 67 5.34 14.18 11.24
CA GLU B 67 6.14 13.20 11.98
C GLU B 67 6.36 11.93 11.15
N ALA B 68 5.30 11.37 10.57
CA ALA B 68 5.42 10.20 9.72
C ALA B 68 6.31 10.47 8.51
N ALA B 69 6.16 11.66 7.92
CA ALA B 69 6.95 11.99 6.73
C ALA B 69 8.41 12.17 7.09
N THR B 70 8.67 12.75 8.28
CA THR B 70 10.04 12.97 8.74
C THR B 70 10.77 11.65 8.94
N GLU B 71 10.15 10.72 9.67
CA GLU B 71 10.73 9.38 9.83
C GLU B 71 11.02 8.73 8.49
N SER B 72 10.09 8.86 7.53
CA SER B 72 10.28 8.19 6.23
C SER B 72 11.44 8.82 5.47
N ILE B 73 11.50 10.14 5.43
CA ILE B 73 12.55 10.82 4.65
C ILE B 73 13.92 10.63 5.30
N LYS B 74 13.96 10.52 6.63
CA LYS B 74 15.21 10.19 7.32
C LYS B 74 15.67 8.77 7.03
N GLY B 75 14.76 7.86 6.67
CA GLY B 75 15.11 6.50 6.31
C GLY B 75 15.66 6.40 4.91
N ASP B 76 15.57 5.20 4.33
CA ASP B 76 16.20 4.90 3.04
C ASP B 76 15.22 4.49 1.94
N ASN B 77 13.92 4.57 2.17
CA ASN B 77 12.93 4.11 1.20
C ASN B 77 12.39 5.29 0.39
N LEU B 78 11.62 4.97 -0.65
CA LEU B 78 10.93 5.99 -1.42
C LEU B 78 9.67 6.40 -0.64
N THR B 79 9.58 7.67 -0.28
CA THR B 79 8.46 8.17 0.52
C THR B 79 7.28 8.46 -0.41
N VAL B 80 6.17 7.75 -0.26
CA VAL B 80 4.98 8.01 -1.08
C VAL B 80 3.84 8.44 -0.17
N LEU B 81 3.39 9.69 -0.32
CA LEU B 81 2.27 10.20 0.48
C LEU B 81 1.03 10.27 -0.41
N VAL B 82 -0.04 9.64 0.06
CA VAL B 82 -1.34 9.72 -0.59
C VAL B 82 -2.19 10.62 0.30
N ASN B 83 -2.41 11.83 -0.16
CA ASN B 83 -3.03 12.87 0.65
C ASN B 83 -4.43 13.13 0.14
N ASN B 84 -5.36 13.36 1.06
CA ASN B 84 -6.68 13.75 0.63
C ASN B 84 -6.65 15.12 -0.07
N THR B 85 -5.91 16.10 0.50
CA THR B 85 -5.83 17.43 -0.09
C THR B 85 -4.38 17.90 -0.20
N CYS B 86 -4.14 18.85 -1.13
CA CYS B 86 -2.84 19.50 -1.23
C CYS B 86 -2.41 20.18 0.07
N SER B 87 -3.36 20.57 0.92
CA SER B 87 -2.98 21.33 2.11
C SER B 87 -2.18 20.50 3.10
N VAL B 88 -2.23 19.18 2.99
CA VAL B 88 -1.32 18.29 3.72
C VAL B 88 0.13 18.68 3.46
N SER B 89 0.44 19.16 2.25
CA SER B 89 1.81 19.53 1.91
C SER B 89 2.32 20.76 2.65
N LEU B 90 1.46 21.48 3.37
CA LEU B 90 1.96 22.53 4.27
C LEU B 90 2.79 21.92 5.40
N ALA B 91 2.55 20.66 5.74
CA ALA B 91 3.39 19.99 6.74
C ALA B 91 4.57 19.27 6.11
N THR B 92 4.41 18.72 4.91
CA THR B 92 5.47 17.85 4.38
C THR B 92 6.56 18.62 3.66
N LEU B 93 6.21 19.66 2.91
CA LEU B 93 7.22 20.36 2.14
C LEU B 93 8.30 21.03 3.00
N PRO B 94 7.99 21.61 4.18
CA PRO B 94 9.09 22.10 5.03
C PRO B 94 10.01 21.02 5.50
N VAL B 95 9.51 19.79 5.68
CA VAL B 95 10.37 18.67 6.02
C VAL B 95 11.28 18.32 4.86
N VAL B 96 10.74 18.25 3.64
CA VAL B 96 11.60 17.99 2.47
C VAL B 96 12.69 19.04 2.39
N ALA B 97 12.32 20.32 2.54
CA ALA B 97 13.27 21.41 2.35
C ALA B 97 14.33 21.43 3.43
N ARG B 98 13.97 21.07 4.66
CA ARG B 98 14.94 20.99 5.75
C ARG B 98 15.92 19.82 5.54
N GLU B 99 15.40 18.63 5.26
CA GLU B 99 16.25 17.45 5.12
C GLU B 99 17.01 17.45 3.80
N HIS B 100 16.49 18.12 2.78
CA HIS B 100 17.13 18.15 1.46
C HIS B 100 17.12 19.58 0.96
N PRO B 101 18.01 20.43 1.47
CA PRO B 101 18.00 21.85 1.05
C PRO B 101 18.39 22.02 -0.40
N ASP B 102 18.89 20.98 -1.07
CA ASP B 102 19.13 21.06 -2.51
C ASP B 102 18.01 20.44 -3.35
N ALA B 103 16.97 19.88 -2.73
CA ALA B 103 15.86 19.29 -3.48
C ALA B 103 15.15 20.32 -4.38
N VAL B 104 14.77 19.88 -5.58
CA VAL B 104 13.84 20.61 -6.43
C VAL B 104 12.45 20.01 -6.23
N VAL B 105 11.46 20.84 -5.98
CA VAL B 105 10.08 20.37 -5.85
C VAL B 105 9.39 20.60 -7.19
N LEU B 106 8.95 19.51 -7.81
CA LEU B 106 8.08 19.56 -8.96
C LEU B 106 6.65 19.62 -8.45
N TYR B 107 6.03 20.79 -8.59
CA TYR B 107 4.69 21.01 -8.09
C TYR B 107 3.77 20.93 -9.29
N ILE B 108 3.27 19.74 -9.57
CA ILE B 108 2.52 19.43 -10.78
C ILE B 108 1.05 19.65 -10.47
N ASP B 109 0.50 20.73 -11.03
CA ASP B 109 -0.74 21.30 -10.51
C ASP B 109 -1.38 22.16 -11.58
N GLY B 110 -2.71 22.09 -11.71
CA GLY B 110 -3.38 22.95 -12.68
C GLY B 110 -3.51 24.42 -12.29
N HIS B 111 -3.23 24.78 -11.05
CA HIS B 111 -3.54 26.13 -10.56
C HIS B 111 -2.35 26.95 -10.14
N GLY B 112 -1.36 26.35 -9.48
CA GLY B 112 -0.24 27.08 -8.92
C GLY B 112 -0.23 27.16 -7.41
N ASP B 113 -1.41 27.23 -6.78
CA ASP B 113 -1.53 27.17 -5.31
C ASP B 113 -0.59 28.16 -4.61
N PHE B 114 -0.50 29.38 -5.17
CA PHE B 114 0.50 30.33 -4.69
C PHE B 114 -0.13 31.59 -4.11
N ASN B 115 -1.38 31.49 -3.64
CA ASN B 115 -2.04 32.60 -2.97
C ASN B 115 -1.55 32.81 -1.54
N THR B 116 -1.70 34.05 -1.10
CA THR B 116 -1.50 34.48 0.28
C THR B 116 -2.85 34.85 0.88
N PRO B 117 -2.91 35.16 2.18
CA PRO B 117 -4.16 35.65 2.76
C PRO B 117 -4.65 36.92 2.10
N GLU B 118 -3.76 37.68 1.45
CA GLU B 118 -4.13 38.86 0.67
C GLU B 118 -4.79 38.49 -0.64
N THR B 119 -4.23 37.51 -1.38
CA THR B 119 -4.66 37.29 -2.77
C THR B 119 -5.76 36.26 -2.93
N THR B 120 -5.97 35.37 -1.96
CA THR B 120 -7.01 34.36 -2.09
C THR B 120 -8.37 35.04 -2.27
N ASP B 121 -9.07 34.65 -3.34
CA ASP B 121 -10.45 35.10 -3.51
C ASP B 121 -11.44 34.15 -2.88
N THR B 122 -11.05 32.88 -2.76
CA THR B 122 -11.90 31.80 -2.30
C THR B 122 -11.75 31.52 -0.81
N GLY B 123 -10.71 32.06 -0.17
CA GLY B 123 -10.35 31.63 1.16
C GLY B 123 -9.84 30.20 1.27
N TYR B 124 -9.58 29.53 0.14
CA TYR B 124 -9.26 28.11 0.15
C TYR B 124 -7.78 27.89 0.48
N LEU B 125 -7.53 27.27 1.64
CA LEU B 125 -6.18 26.91 2.06
C LEU B 125 -5.46 26.05 1.01
N GLY B 126 -6.19 25.21 0.28
CA GLY B 126 -5.59 24.40 -0.77
C GLY B 126 -4.96 25.22 -1.87
N GLY B 127 -5.38 26.46 -2.03
CA GLY B 127 -4.72 27.37 -2.95
C GLY B 127 -3.59 28.18 -2.36
N MET B 128 -3.14 27.87 -1.13
CA MET B 128 -2.10 28.64 -0.47
C MET B 128 -0.91 27.78 -0.06
N VAL B 129 -0.75 26.59 -0.65
CA VAL B 129 0.17 25.57 -0.15
C VAL B 129 1.62 25.90 -0.50
N LEU B 130 1.88 26.15 -1.79
CA LEU B 130 3.25 26.36 -2.22
C LEU B 130 3.77 27.70 -1.73
N SER B 131 2.93 28.74 -1.72
CA SER B 131 3.37 30.00 -1.12
C SER B 131 3.65 29.82 0.36
N GLY B 132 2.90 28.94 1.03
CA GLY B 132 3.15 28.70 2.45
C GLY B 132 4.47 28.00 2.69
N ALA B 133 4.76 26.94 1.92
CA ALA B 133 6.04 26.24 2.09
C ALA B 133 7.21 27.13 1.70
N CYS B 134 7.00 28.08 0.79
CA CYS B 134 8.03 29.01 0.38
C CYS B 134 8.15 30.21 1.31
N GLY B 135 7.27 30.36 2.31
CA GLY B 135 7.41 31.42 3.29
C GLY B 135 6.77 32.75 2.94
N LEU B 136 5.86 32.81 1.96
CA LEU B 136 5.21 34.08 1.68
C LEU B 136 4.17 34.42 2.75
N TRP B 137 3.69 33.42 3.47
CA TRP B 137 2.81 33.63 4.62
C TRP B 137 3.12 32.49 5.57
N ASP B 138 2.74 32.65 6.85
CA ASP B 138 3.13 31.70 7.89
C ASP B 138 1.94 30.76 8.15
N SER B 139 2.09 29.51 7.74
CA SER B 139 1.11 28.48 8.06
C SER B 139 1.22 28.01 9.51
N GLY B 140 2.35 28.26 10.17
CA GLY B 140 2.61 27.70 11.49
C GLY B 140 3.23 26.32 11.46
N HIS B 141 3.43 25.75 10.26
CA HIS B 141 4.03 24.43 10.12
C HIS B 141 5.40 24.47 9.43
N GLY B 142 5.97 25.65 9.27
CA GLY B 142 7.28 25.80 8.70
C GLY B 142 7.23 26.35 7.28
N ALA B 143 8.41 26.77 6.84
CA ALA B 143 8.63 27.16 5.46
C ALA B 143 9.99 26.61 5.05
N GLY B 144 10.85 27.47 4.51
CA GLY B 144 12.21 27.07 4.17
C GLY B 144 12.39 26.50 2.78
N LEU B 145 11.32 26.29 2.01
CA LEU B 145 11.50 25.86 0.63
C LEU B 145 11.84 27.08 -0.22
N ARG B 146 12.99 27.07 -0.87
CA ARG B 146 13.40 28.20 -1.70
C ARG B 146 12.56 28.25 -2.97
N PRO B 147 11.92 29.40 -3.27
CA PRO B 147 11.14 29.52 -4.52
C PRO B 147 11.93 29.19 -5.78
N GLU B 148 13.24 29.43 -5.78
CA GLU B 148 14.12 29.09 -6.89
C GLU B 148 14.24 27.59 -7.10
N GLN B 149 13.78 26.79 -6.15
CA GLN B 149 13.83 25.34 -6.23
C GLN B 149 12.44 24.72 -6.31
N ALA B 150 11.41 25.54 -6.54
CA ALA B 150 10.06 25.07 -6.78
C ALA B 150 9.75 25.29 -8.26
N VAL B 151 9.26 24.25 -8.93
CA VAL B 151 8.89 24.35 -10.34
C VAL B 151 7.43 23.94 -10.50
N LEU B 152 6.60 24.87 -10.97
CA LEU B 152 5.21 24.57 -11.26
C LEU B 152 5.11 23.93 -12.64
N VAL B 153 4.41 22.80 -12.74
CA VAL B 153 4.33 22.05 -13.97
C VAL B 153 2.86 21.88 -14.36
N GLY B 154 2.49 22.42 -15.51
CA GLY B 154 1.16 22.26 -16.05
C GLY B 154 0.14 23.26 -15.55
N SER B 155 0.57 24.26 -14.77
CA SER B 155 -0.35 25.28 -14.28
C SER B 155 -0.77 26.20 -15.42
N ARG B 156 -1.99 26.72 -15.31
CA ARG B 156 -2.59 27.44 -16.42
C ARG B 156 -3.67 28.37 -15.89
N ASP B 157 -3.98 29.40 -16.69
CA ASP B 157 -5.03 30.37 -16.40
C ASP B 157 -4.93 30.88 -14.97
N ILE B 158 -3.72 31.29 -14.61
CA ILE B 158 -3.38 31.79 -13.29
C ILE B 158 -3.79 33.26 -13.18
N ASP B 159 -4.43 33.64 -12.07
CA ASP B 159 -4.92 35.01 -12.02
C ASP B 159 -3.76 35.99 -11.83
N GLU B 160 -4.09 37.29 -12.02
CA GLU B 160 -3.08 38.33 -12.16
C GLU B 160 -2.25 38.49 -10.89
N GLY B 161 -2.89 38.47 -9.72
CA GLY B 161 -2.14 38.67 -8.50
C GLY B 161 -1.31 37.46 -8.12
N GLU B 162 -1.88 36.26 -8.32
CA GLU B 162 -1.16 35.03 -8.05
C GLU B 162 0.07 34.90 -8.94
N ARG B 163 -0.11 35.17 -10.24
CA ARG B 163 0.97 35.10 -11.21
C ARG B 163 2.11 36.06 -10.89
N GLU B 164 1.78 37.28 -10.43
CA GLU B 164 2.82 38.24 -10.08
C GLU B 164 3.62 37.79 -8.85
N LEU B 165 2.94 37.24 -7.84
CA LEU B 165 3.66 36.65 -6.71
C LEU B 165 4.59 35.55 -7.17
N ILE B 166 4.09 34.65 -8.03
CA ILE B 166 4.92 33.59 -8.60
C ILE B 166 6.14 34.19 -9.28
N ARG B 167 5.91 35.14 -10.21
CA ARG B 167 6.99 35.75 -10.97
C ARG B 167 7.99 36.46 -10.06
N LYS B 168 7.49 37.26 -9.12
CA LYS B 168 8.36 37.99 -8.20
C LYS B 168 9.16 37.04 -7.30
N ALA B 169 8.53 35.97 -6.81
CA ALA B 169 9.26 35.01 -5.98
C ALA B 169 10.30 34.23 -6.77
N GLY B 170 10.16 34.11 -8.09
CA GLY B 170 11.10 33.35 -8.88
C GLY B 170 10.75 31.88 -9.04
N VAL B 171 9.48 31.52 -8.92
CA VAL B 171 9.03 30.16 -9.19
C VAL B 171 8.78 30.03 -10.69
N ARG B 172 9.44 29.07 -11.33
CA ARG B 172 9.25 28.81 -12.74
C ARG B 172 7.94 28.08 -13.04
N VAL B 173 7.35 28.42 -14.18
CA VAL B 173 6.08 27.84 -14.63
C VAL B 173 6.35 27.12 -15.94
N ILE B 174 6.06 25.83 -16.00
CA ILE B 174 6.11 25.13 -17.28
C ILE B 174 4.67 24.86 -17.70
N PRO B 175 4.12 25.59 -18.66
CA PRO B 175 2.72 25.41 -19.01
C PRO B 175 2.51 24.02 -19.64
N PRO B 176 1.26 23.55 -19.70
CA PRO B 176 1.03 22.21 -20.25
C PRO B 176 1.55 22.02 -21.67
N GLY B 177 1.43 23.04 -22.52
CA GLY B 177 1.91 22.92 -23.88
C GLY B 177 3.42 22.79 -23.98
N GLU B 178 4.15 23.17 -22.94
CA GLU B 178 5.60 23.05 -22.91
C GLU B 178 6.09 21.95 -21.97
N ALA B 179 5.17 21.24 -21.31
CA ALA B 179 5.51 20.30 -20.23
C ALA B 179 5.84 18.92 -20.78
N THR B 180 7.07 18.79 -21.30
CA THR B 180 7.60 17.51 -21.74
C THR B 180 8.61 16.98 -20.71
N ALA B 181 8.95 15.70 -20.87
CA ALA B 181 9.90 15.07 -19.94
C ALA B 181 11.25 15.81 -19.97
N GLN B 182 11.69 16.26 -21.15
CA GLN B 182 12.98 16.93 -21.23
C GLN B 182 12.94 18.34 -20.64
N ALA B 183 11.83 19.06 -20.87
CA ALA B 183 11.66 20.36 -20.19
C ALA B 183 11.79 20.21 -18.68
N VAL B 184 11.20 19.16 -18.10
CA VAL B 184 11.26 18.95 -16.65
C VAL B 184 12.67 18.51 -16.23
N LEU B 185 13.32 17.65 -17.03
CA LEU B 185 14.68 17.27 -16.74
C LEU B 185 15.60 18.48 -16.70
N ASP B 186 15.42 19.40 -17.65
CA ASP B 186 16.21 20.64 -17.71
C ASP B 186 15.99 21.50 -16.47
N ALA B 187 14.75 21.58 -16.00
CA ALA B 187 14.43 22.39 -14.82
C ALA B 187 15.06 21.82 -13.55
N VAL B 188 15.20 20.50 -13.47
CA VAL B 188 15.68 19.88 -12.26
C VAL B 188 17.21 19.75 -12.24
N LYS B 189 17.86 19.67 -13.41
CA LYS B 189 19.33 19.60 -13.49
C LYS B 189 19.83 18.40 -12.71
N ASP B 190 20.79 18.54 -11.78
CA ASP B 190 21.36 17.42 -11.03
C ASP B 190 20.77 17.27 -9.63
N ALA B 191 19.69 17.98 -9.33
CA ALA B 191 19.17 18.02 -7.98
C ALA B 191 18.39 16.74 -7.62
N PRO B 192 18.33 16.39 -6.34
CA PRO B 192 17.29 15.44 -5.90
C PRO B 192 15.91 16.04 -6.12
N VAL B 193 14.90 15.17 -6.29
CA VAL B 193 13.58 15.59 -6.75
C VAL B 193 12.49 15.17 -5.77
N TRP B 194 11.57 16.10 -5.48
CA TRP B 194 10.33 15.77 -4.80
C TRP B 194 9.19 16.10 -5.73
N ILE B 195 8.33 15.11 -6.01
CA ILE B 195 7.22 15.30 -6.95
C ILE B 195 5.92 15.41 -6.16
N HIS B 196 5.24 16.53 -6.34
CA HIS B 196 3.90 16.74 -5.80
C HIS B 196 2.94 16.80 -6.98
N ILE B 197 1.92 15.97 -6.99
CA ILE B 197 0.97 16.03 -8.10
C ILE B 197 -0.47 16.14 -7.58
N ASP B 198 -1.19 17.13 -8.09
CA ASP B 198 -2.61 17.35 -7.87
C ASP B 198 -3.31 16.98 -9.18
N TRP B 199 -4.23 16.01 -9.12
CA TRP B 199 -4.83 15.49 -10.34
C TRP B 199 -5.60 16.54 -11.15
N ASP B 200 -5.80 17.74 -10.61
CA ASP B 200 -6.40 18.79 -11.41
C ASP B 200 -5.50 19.27 -12.54
N VAL B 201 -4.21 18.93 -12.53
CA VAL B 201 -3.34 19.25 -13.65
C VAL B 201 -3.78 18.57 -14.95
N LEU B 202 -4.54 17.50 -14.87
CA LEU B 202 -4.85 16.73 -16.07
C LEU B 202 -5.98 17.39 -16.85
N GLU B 203 -5.91 17.23 -18.17
CA GLU B 203 -7.05 17.47 -19.05
C GLU B 203 -8.29 16.77 -18.49
N PRO B 204 -9.41 17.47 -18.32
CA PRO B 204 -10.61 16.85 -17.78
C PRO B 204 -11.00 15.60 -18.57
N GLY B 205 -11.36 14.54 -17.85
CA GLY B 205 -11.78 13.30 -18.48
C GLY B 205 -11.22 12.03 -17.89
N SER B 206 -10.10 12.09 -17.17
CA SER B 206 -9.41 10.91 -16.70
C SER B 206 -9.44 10.73 -15.18
N ILE B 207 -9.40 11.80 -14.40
CA ILE B 207 -9.40 11.68 -12.94
C ILE B 207 -10.33 12.72 -12.33
N PRO B 208 -11.41 12.30 -11.68
CA PRO B 208 -12.32 13.26 -11.02
C PRO B 208 -11.60 14.07 -9.96
N ALA B 209 -11.61 15.40 -10.13
CA ALA B 209 -11.01 16.30 -9.15
C ALA B 209 -11.83 17.59 -9.13
N ASP B 210 -11.91 18.23 -7.95
CA ASP B 210 -12.51 19.55 -7.91
C ASP B 210 -11.53 20.57 -8.48
N TYR B 211 -12.06 21.78 -8.77
CA TYR B 211 -11.24 22.87 -9.32
C TYR B 211 -10.63 22.49 -10.67
N THR B 212 -11.47 21.93 -11.55
CA THR B 212 -11.09 21.52 -12.90
C THR B 212 -10.75 22.75 -13.75
N VAL B 213 -9.76 22.60 -14.64
CA VAL B 213 -9.39 23.69 -15.56
C VAL B 213 -9.15 23.10 -16.95
N PRO B 214 -9.66 23.74 -18.00
CA PRO B 214 -9.48 23.22 -19.35
C PRO B 214 -8.02 23.25 -19.82
N ASP B 215 -7.76 22.44 -20.86
CA ASP B 215 -6.46 22.34 -21.54
C ASP B 215 -5.32 22.00 -20.57
N GLY B 216 -5.45 20.85 -19.92
CA GLY B 216 -4.46 20.40 -18.97
C GLY B 216 -3.46 19.44 -19.58
N MET B 217 -2.75 18.74 -18.70
CA MET B 217 -1.76 17.77 -19.15
C MET B 217 -2.42 16.42 -19.44
N LEU B 218 -1.75 15.66 -20.25
CA LEU B 218 -2.28 14.35 -20.58
C LEU B 218 -1.52 13.28 -19.83
N PRO B 219 -2.15 12.12 -19.60
CA PRO B 219 -1.47 11.07 -18.80
C PRO B 219 -0.15 10.62 -19.39
N ALA B 220 -0.02 10.59 -20.72
CA ALA B 220 1.23 10.12 -21.31
C ALA B 220 2.36 11.08 -21.01
N GLN B 221 2.06 12.38 -20.87
CA GLN B 221 3.10 13.33 -20.49
C GLN B 221 3.49 13.18 -19.03
N ILE B 222 2.50 13.05 -18.15
CA ILE B 222 2.80 12.80 -16.74
C ILE B 222 3.65 11.54 -16.61
N ARG B 223 3.24 10.46 -17.30
CA ARG B 223 4.00 9.21 -17.22
C ARG B 223 5.43 9.41 -17.68
N ALA B 224 5.65 10.17 -18.76
CA ALA B 224 7.01 10.41 -19.25
C ALA B 224 7.88 11.16 -18.22
N VAL B 225 7.28 12.01 -17.40
CA VAL B 225 8.04 12.69 -16.34
C VAL B 225 8.55 11.68 -15.31
N PHE B 226 7.66 10.80 -14.83
CA PHE B 226 8.10 9.78 -13.87
C PHE B 226 9.14 8.85 -14.48
N GLU B 227 8.95 8.50 -15.75
CA GLU B 227 9.93 7.66 -16.44
C GLU B 227 11.29 8.33 -16.51
N ALA B 228 11.33 9.66 -16.59
CA ALA B 228 12.57 10.39 -16.87
C ALA B 228 13.36 10.71 -15.61
N ILE B 229 12.72 10.87 -14.45
CA ILE B 229 13.47 11.20 -13.24
C ILE B 229 14.25 9.95 -12.80
N PRO B 230 15.57 10.05 -12.57
CA PRO B 230 16.33 8.87 -12.17
C PRO B 230 15.90 8.40 -10.79
N ALA B 231 15.84 7.08 -10.62
CA ALA B 231 15.29 6.50 -9.41
C ALA B 231 16.06 6.92 -8.17
N GLU B 232 17.36 7.20 -8.33
CA GLU B 232 18.22 7.54 -7.19
C GLU B 232 18.12 9.00 -6.80
N ARG B 233 17.61 9.85 -7.68
CA ARG B 233 17.40 11.26 -7.36
C ARG B 233 16.03 11.53 -6.76
N LEU B 234 15.14 10.55 -6.75
CA LEU B 234 13.74 10.78 -6.39
C LEU B 234 13.60 10.58 -4.87
N ILE B 235 13.33 11.67 -4.15
CA ILE B 235 13.16 11.58 -2.71
C ILE B 235 11.80 10.98 -2.37
N GLY B 236 10.77 11.44 -3.05
CA GLY B 236 9.42 11.04 -2.71
C GLY B 236 8.40 11.61 -3.66
N VAL B 237 7.17 11.14 -3.48
CA VAL B 237 6.04 11.48 -4.33
C VAL B 237 4.82 11.68 -3.44
N GLU B 238 4.12 12.80 -3.61
CA GLU B 238 2.82 13.01 -2.98
C GLU B 238 1.76 12.99 -4.06
N LEU B 239 0.72 12.20 -3.84
CA LEU B 239 -0.41 12.13 -4.75
C LEU B 239 -1.63 12.66 -4.02
N ALA B 240 -2.36 13.55 -4.67
CA ALA B 240 -3.40 14.29 -3.96
C ALA B 240 -4.61 14.55 -4.83
N GLU B 241 -5.77 14.48 -4.20
CA GLU B 241 -7.04 15.14 -4.59
C GLU B 241 -7.87 14.35 -5.59
N LEU B 242 -7.92 13.03 -5.44
CA LEU B 242 -8.92 12.25 -6.15
C LEU B 242 -10.23 12.40 -5.39
N ASN B 243 -11.23 13.02 -6.02
CA ASN B 243 -12.52 13.25 -5.38
C ASN B 243 -13.53 12.27 -5.98
N ALA B 244 -13.56 11.06 -5.41
CA ALA B 244 -14.46 10.03 -5.92
C ALA B 244 -14.75 9.06 -4.79
N PRO B 245 -15.98 8.58 -4.65
CA PRO B 245 -16.25 7.53 -3.66
C PRO B 245 -15.41 6.30 -3.92
N ALA B 246 -14.96 5.65 -2.84
CA ALA B 246 -14.02 4.53 -2.97
C ALA B 246 -14.61 3.41 -3.82
N ASP B 247 -15.91 3.17 -3.70
CA ASP B 247 -16.56 2.07 -4.40
C ASP B 247 -17.04 2.45 -5.80
N SER B 248 -16.78 3.68 -6.26
CA SER B 248 -17.35 4.18 -7.50
C SER B 248 -16.58 3.72 -8.73
N GLU B 249 -17.33 3.56 -9.83
CA GLU B 249 -16.71 3.22 -11.10
C GLU B 249 -15.76 4.29 -11.59
N ARG B 250 -16.04 5.57 -11.32
CA ARG B 250 -15.07 6.59 -11.73
C ARG B 250 -13.82 6.56 -10.85
N ALA B 251 -13.93 6.08 -9.61
CA ALA B 251 -12.71 5.88 -8.83
C ALA B 251 -11.89 4.72 -9.40
N GLU B 252 -12.56 3.64 -9.80
CA GLU B 252 -11.86 2.50 -10.39
C GLU B 252 -11.11 2.91 -11.65
N GLN B 253 -11.79 3.64 -12.55
CA GLN B 253 -11.12 4.12 -13.77
C GLN B 253 -9.99 5.09 -13.46
N ALA B 254 -10.14 5.92 -12.44
CA ALA B 254 -9.12 6.95 -12.20
C ALA B 254 -7.85 6.37 -11.57
N VAL B 255 -7.96 5.39 -10.66
CA VAL B 255 -6.75 4.86 -10.05
C VAL B 255 -5.97 4.05 -11.07
N ALA B 256 -6.64 3.43 -12.04
CA ALA B 256 -5.90 2.72 -13.09
C ALA B 256 -5.00 3.67 -13.86
N VAL B 257 -5.49 4.90 -14.11
CA VAL B 257 -4.66 5.91 -14.77
C VAL B 257 -3.54 6.37 -13.84
N ILE B 258 -3.85 6.56 -12.56
CA ILE B 258 -2.84 7.01 -11.61
C ILE B 258 -1.70 6.00 -11.52
N LEU B 259 -2.04 4.72 -11.37
CA LEU B 259 -1.02 3.68 -11.25
C LEU B 259 -0.13 3.63 -12.49
N ASP B 260 -0.75 3.78 -13.67
CA ASP B 260 0.02 3.85 -14.91
C ASP B 260 1.00 5.02 -14.89
N MET B 261 0.58 6.18 -14.40
CA MET B 261 1.46 7.33 -14.52
C MET B 261 2.65 7.21 -13.56
N VAL B 262 2.45 6.65 -12.36
CA VAL B 262 3.53 6.56 -11.38
C VAL B 262 4.39 5.30 -11.53
N ALA B 263 3.90 4.28 -12.24
CA ALA B 263 4.57 2.98 -12.31
C ALA B 263 6.04 3.01 -12.72
N PRO B 264 6.51 3.88 -13.66
CA PRO B 264 7.96 3.89 -13.94
C PRO B 264 8.82 4.10 -12.70
N ALA B 265 8.39 4.97 -11.78
CA ALA B 265 9.17 5.23 -10.56
C ALA B 265 8.90 4.18 -9.50
N PHE B 266 7.64 3.76 -9.32
CA PHE B 266 7.35 2.82 -8.24
C PHE B 266 7.83 1.42 -8.59
N ASP B 267 7.79 1.03 -9.89
CA ASP B 267 8.36 -0.26 -10.27
C ASP B 267 9.84 -0.30 -9.92
N ALA B 268 10.57 0.78 -10.22
CA ALA B 268 11.99 0.83 -9.91
C ALA B 268 12.25 0.75 -8.41
N ALA B 269 11.44 1.43 -7.59
CA ALA B 269 11.66 1.41 -6.15
C ALA B 269 11.31 0.07 -5.54
N ALA B 270 10.30 -0.60 -6.08
CA ALA B 270 9.86 -1.87 -5.53
C ALA B 270 10.81 -3.00 -5.87
N ALA B 271 11.71 -2.81 -6.83
CA ALA B 271 12.67 -3.84 -7.18
C ALA B 271 14.04 -3.62 -6.55
N ARG B 272 14.34 -2.40 -6.12
CA ARG B 272 15.66 -2.08 -5.58
C ARG B 272 15.94 -2.92 -4.33
N PRO B 273 17.21 -3.21 -4.06
CA PRO B 273 17.57 -3.92 -2.83
C PRO B 273 17.45 -3.04 -1.60
N LEU B 274 17.25 -3.70 -0.46
CA LEU B 274 17.09 -3.00 0.80
C LEU B 274 18.45 -2.62 1.38
MN MN C . -3.64 -10.94 2.18
MG MG D . -2.43 -7.98 3.12
MG MG E . -3.35 21.93 -5.83
MG MG F . -6.65 20.19 -6.89
#